data_6L13
#
_entry.id   6L13
#
_cell.length_a   97.949
_cell.length_b   97.949
_cell.length_c   80.681
_cell.angle_alpha   90.000
_cell.angle_beta   90.000
_cell.angle_gamma   120.000
#
_symmetry.space_group_name_H-M   'P 65'
#
loop_
_entity.id
_entity.type
_entity.pdbx_description
1 polymer 'Serine/threonine-protein kinase pim-1'
2 non-polymer 2-chloranyl-10-(2-piperidin-4-ylethyl)phenoxazine
3 water water
#
_entity_poly.entity_id   1
_entity_poly.type   'polypeptide(L)'
_entity_poly.pdbx_seq_one_letter_code
;GPHMKEKEPLESQYQVGPLLGSGGFGSVYSGIRVSDNLPVAIKHVEKDRISDWGELPNGTRVPMEVVLLKKVSSGFSGVI
RLLDWFERPDSFVLILERPEPVQDLFDFITERGALQEELARSFFWQVLEAVRHCHNCGVLHRDIKDENILIDLNRGELKL
IDFGSGALLKDTVYTDFDGTRVYSPPEWIRYHRYHGRSAAVWSLGILLYDMVCGDIPFEHDEEIIRGQVFFRQRVS
(SEP)ECQHLIRWCLALRPSDRPTFEEIQNHPWMQDVLLPQETAEIHLHSLSPGPSK
;
_entity_poly.pdbx_strand_id   A
#
loop_
_chem_comp.id
_chem_comp.type
_chem_comp.name
_chem_comp.formula
E2F non-polymer 2-chloranyl-10-(2-piperidin-4-ylethyl)phenoxazine 'C19 H21 Cl N2 O'
#
# COMPACT_ATOMS: atom_id res chain seq x y z
N PRO A 9 17.73 -2.14 -25.19
CA PRO A 9 18.40 -2.90 -24.15
C PRO A 9 17.48 -3.44 -23.05
N LEU A 10 16.25 -2.93 -22.91
CA LEU A 10 15.23 -3.57 -22.05
C LEU A 10 14.94 -5.03 -22.48
N GLU A 11 14.94 -5.29 -23.79
CA GLU A 11 14.57 -6.60 -24.35
C GLU A 11 15.64 -7.67 -24.12
N SER A 12 16.91 -7.28 -24.22
CA SER A 12 18.02 -8.23 -23.99
C SER A 12 18.28 -8.44 -22.51
N GLN A 13 18.07 -7.41 -21.69
CA GLN A 13 18.43 -7.42 -20.27
C GLN A 13 17.39 -8.13 -19.36
N TYR A 14 16.16 -8.30 -19.87
CA TYR A 14 15.06 -8.92 -19.13
C TYR A 14 14.34 -9.95 -19.99
N GLN A 15 14.08 -11.13 -19.41
CA GLN A 15 13.25 -12.13 -20.04
C GLN A 15 11.83 -12.00 -19.50
N VAL A 16 10.85 -11.92 -20.40
CA VAL A 16 9.47 -11.64 -20.03
C VAL A 16 8.68 -12.93 -19.87
N GLY A 17 7.92 -13.02 -18.77
CA GLY A 17 7.02 -14.13 -18.53
C GLY A 17 5.56 -13.69 -18.67
N PRO A 18 4.66 -14.36 -17.94
CA PRO A 18 3.23 -14.07 -18.05
C PRO A 18 2.79 -12.72 -17.50
N LEU A 19 1.63 -12.26 -17.97
CA LEU A 19 0.95 -11.09 -17.44
C LEU A 19 0.45 -11.43 -16.04
N LEU A 20 0.87 -10.64 -15.05
CA LEU A 20 0.40 -10.80 -13.67
C LEU A 20 -0.91 -10.06 -13.45
N GLY A 21 -1.07 -8.91 -14.08
CA GLY A 21 -2.34 -8.16 -13.98
C GLY A 21 -2.31 -6.86 -14.73
N SER A 22 -3.46 -6.24 -14.88
CA SER A 22 -3.55 -4.94 -15.47
C SER A 22 -4.68 -4.18 -14.83
N GLY A 23 -4.66 -2.87 -14.99
CA GLY A 23 -5.61 -1.99 -14.32
C GLY A 23 -5.21 -0.54 -14.46
N GLY A 24 -5.71 0.31 -13.55
CA GLY A 24 -5.34 1.74 -13.53
C GLY A 24 -3.84 2.01 -13.48
N PHE A 25 -3.10 1.07 -12.90
CA PHE A 25 -1.62 1.07 -12.86
C PHE A 25 -0.88 0.66 -14.17
N GLY A 26 -1.60 0.21 -15.19
CA GLY A 26 -0.98 -0.26 -16.44
C GLY A 26 -1.01 -1.78 -16.52
N SER A 27 0.05 -2.37 -17.08
CA SER A 27 0.15 -3.82 -17.24
C SER A 27 1.43 -4.30 -16.65
N VAL A 28 1.36 -5.33 -15.82
CA VAL A 28 2.51 -5.82 -15.08
C VAL A 28 2.77 -7.26 -15.48
N TYR A 29 4.01 -7.57 -15.84
CA TYR A 29 4.43 -8.91 -16.24
C TYR A 29 5.45 -9.48 -15.28
N SER A 30 5.42 -10.80 -15.12
CA SER A 30 6.48 -11.50 -14.45
C SER A 30 7.68 -11.49 -15.35
N GLY A 31 8.87 -11.45 -14.74
CA GLY A 31 10.11 -11.40 -15.49
C GLY A 31 11.30 -11.83 -14.66
N ILE A 32 12.42 -12.01 -15.36
CA ILE A 32 13.67 -12.45 -14.77
C ILE A 32 14.74 -11.51 -15.31
N ARG A 33 15.62 -11.02 -14.44
CA ARG A 33 16.81 -10.29 -14.90
C ARG A 33 17.83 -11.34 -15.35
N VAL A 34 18.33 -11.20 -16.57
CA VAL A 34 19.17 -12.27 -17.16
C VAL A 34 20.56 -12.32 -16.55
N SER A 35 21.08 -11.17 -16.13
CA SER A 35 22.40 -11.04 -15.48
C SER A 35 22.59 -12.04 -14.33
N ASP A 36 21.77 -11.89 -13.28
CA ASP A 36 21.62 -12.91 -12.22
C ASP A 36 20.35 -13.65 -12.65
N ASN A 37 19.59 -14.26 -11.76
CA ASN A 37 18.24 -14.70 -12.18
C ASN A 37 17.15 -14.05 -11.34
N LEU A 38 17.36 -12.78 -11.02
CA LEU A 38 16.54 -12.08 -10.05
C LEU A 38 15.12 -12.02 -10.59
N PRO A 39 14.15 -12.55 -9.83
CA PRO A 39 12.75 -12.35 -10.24
C PRO A 39 12.38 -10.88 -10.16
N VAL A 40 11.70 -10.38 -11.19
CA VAL A 40 11.30 -9.00 -11.27
C VAL A 40 9.87 -8.90 -11.79
N ALA A 41 9.32 -7.70 -11.72
CA ALA A 41 8.01 -7.39 -12.28
C ALA A 41 8.22 -6.23 -13.21
N ILE A 42 7.60 -6.31 -14.39
CA ILE A 42 7.82 -5.37 -15.49
C ILE A 42 6.50 -4.66 -15.75
N LYS A 43 6.47 -3.36 -15.49
CA LYS A 43 5.26 -2.59 -15.47
C LYS A 43 5.26 -1.53 -16.55
N HIS A 44 4.29 -1.62 -17.45
CA HIS A 44 4.15 -0.76 -18.62
C HIS A 44 3.01 0.20 -18.41
N VAL A 45 3.23 1.48 -18.67
CA VAL A 45 2.18 2.50 -18.65
C VAL A 45 2.28 3.37 -19.90
N GLU A 46 1.17 3.52 -20.61
CA GLU A 46 1.11 4.39 -21.81
C GLU A 46 1.29 5.85 -21.37
N LYS A 47 2.08 6.61 -22.12
CA LYS A 47 2.30 8.03 -21.80
C LYS A 47 1.02 8.86 -21.72
N ASP A 48 0.01 8.50 -22.51
CA ASP A 48 -1.25 9.26 -22.59
C ASP A 48 -2.13 9.04 -21.36
N ARG A 49 -1.90 7.93 -20.66
CA ARG A 49 -2.59 7.65 -19.40
C ARG A 49 -1.87 8.25 -18.18
N ILE A 50 -0.79 9.01 -18.36
CA ILE A 50 -0.06 9.67 -17.25
C ILE A 50 -0.39 11.18 -17.13
N SER A 51 -1.24 11.54 -16.18
CA SER A 51 -1.49 12.97 -15.86
C SER A 51 -0.40 13.59 -14.97
N ASP A 52 0.27 12.78 -14.16
CA ASP A 52 1.18 13.29 -13.11
C ASP A 52 2.65 13.17 -13.44
N TRP A 53 3.30 14.30 -13.65
CA TRP A 53 4.69 14.35 -14.08
C TRP A 53 5.56 15.06 -13.05
N GLY A 54 6.85 14.78 -13.12
CA GLY A 54 7.84 15.36 -12.21
C GLY A 54 9.18 15.33 -12.90
N GLU A 55 10.26 15.53 -12.14
CA GLU A 55 11.59 15.75 -12.71
C GLU A 55 12.70 15.16 -11.83
N LEU A 56 13.77 14.68 -12.49
CA LEU A 56 14.88 13.96 -11.83
C LEU A 56 16.01 14.88 -11.30
N PRO A 57 16.98 14.31 -10.53
CA PRO A 57 18.25 14.98 -10.18
C PRO A 57 18.94 15.74 -11.33
N ASN A 58 19.12 15.10 -12.49
CA ASN A 58 19.57 15.81 -13.69
C ASN A 58 18.41 16.61 -14.30
N GLY A 59 17.23 16.02 -14.31
CA GLY A 59 16.01 16.68 -14.80
C GLY A 59 15.59 16.30 -16.22
N THR A 60 15.15 15.06 -16.39
CA THR A 60 14.33 14.66 -17.54
C THR A 60 12.87 14.66 -17.06
N ARG A 61 11.94 14.62 -18.01
CA ARG A 61 10.52 14.54 -17.72
C ARG A 61 10.13 13.07 -17.46
N VAL A 62 9.73 12.75 -16.23
CA VAL A 62 9.31 11.38 -15.86
C VAL A 62 7.94 11.37 -15.18
N PRO A 63 7.26 10.20 -15.17
CA PRO A 63 6.07 10.09 -14.35
C PRO A 63 6.40 10.38 -12.89
N MET A 64 5.46 10.98 -12.17
CA MET A 64 5.64 11.25 -10.75
C MET A 64 5.92 9.93 -10.02
N GLU A 65 5.27 8.85 -10.47
CA GLU A 65 5.47 7.55 -9.87
C GLU A 65 6.95 7.16 -9.78
N VAL A 66 7.72 7.43 -10.85
CA VAL A 66 9.17 7.17 -10.83
C VAL A 66 9.89 8.01 -9.76
N VAL A 67 9.54 9.29 -9.64
CA VAL A 67 10.13 10.17 -8.60
C VAL A 67 9.84 9.61 -7.20
N LEU A 68 8.59 9.25 -6.96
CA LEU A 68 8.18 8.76 -5.65
C LEU A 68 8.90 7.45 -5.35
N LEU A 69 8.95 6.54 -6.33
CA LEU A 69 9.63 5.25 -6.14
C LEU A 69 11.12 5.39 -5.85
N LYS A 70 11.79 6.30 -6.53
CA LYS A 70 13.23 6.53 -6.28
C LYS A 70 13.47 6.99 -4.88
N LYS A 71 12.61 7.89 -4.39
CA LYS A 71 12.74 8.40 -3.04
C LYS A 71 12.57 7.33 -1.96
N VAL A 72 11.71 6.33 -2.19
CA VAL A 72 11.51 5.25 -1.22
C VAL A 72 12.29 3.96 -1.48
N SER A 73 13.00 3.85 -2.61
CA SER A 73 13.68 2.59 -2.97
C SER A 73 15.12 2.53 -2.45
N SER A 74 15.57 3.58 -1.77
CA SER A 74 16.93 3.63 -1.24
C SER A 74 16.96 2.82 0.07
N GLY A 75 17.85 1.84 0.14
CA GLY A 75 17.89 0.91 1.26
C GLY A 75 16.75 -0.11 1.26
N PHE A 76 16.69 -0.89 2.35
CA PHE A 76 15.68 -1.94 2.53
C PHE A 76 14.43 -1.34 3.15
N SER A 77 13.29 -2.00 2.94
CA SER A 77 12.04 -1.64 3.63
C SER A 77 10.90 -2.58 3.23
N GLY A 78 9.71 -2.31 3.76
CA GLY A 78 8.49 -2.94 3.31
C GLY A 78 7.89 -2.31 2.06
N VAL A 79 8.71 -1.75 1.16
CA VAL A 79 8.24 -1.22 -0.12
C VAL A 79 8.91 -1.99 -1.26
N ILE A 80 8.13 -2.41 -2.24
CA ILE A 80 8.71 -2.96 -3.46
C ILE A 80 9.51 -1.87 -4.18
N ARG A 81 10.75 -2.21 -4.45
CA ARG A 81 11.74 -1.26 -4.91
C ARG A 81 11.75 -1.18 -6.42
N LEU A 82 11.98 0.03 -6.91
CA LEU A 82 12.31 0.29 -8.29
C LEU A 82 13.78 -0.04 -8.54
N LEU A 83 14.03 -1.00 -9.40
CA LEU A 83 15.40 -1.42 -9.78
C LEU A 83 15.91 -0.68 -11.00
N ASP A 84 15.02 -0.36 -11.92
CA ASP A 84 15.40 0.32 -13.16
C ASP A 84 14.13 0.81 -13.82
N TRP A 85 14.28 1.68 -14.80
CA TRP A 85 13.17 2.12 -15.64
C TRP A 85 13.66 2.47 -17.05
N PHE A 86 12.73 2.45 -18.00
CA PHE A 86 13.03 2.72 -19.42
C PHE A 86 11.95 3.57 -20.00
N GLU A 87 12.32 4.46 -20.90
CA GLU A 87 11.34 5.23 -21.67
C GLU A 87 11.26 4.64 -23.08
N ARG A 88 10.05 4.44 -23.56
CA ARG A 88 9.77 4.07 -24.95
C ARG A 88 9.07 5.25 -25.60
N PRO A 89 8.83 5.20 -26.94
CA PRO A 89 8.14 6.33 -27.58
C PRO A 89 6.76 6.65 -27.01
N ASP A 90 5.98 5.63 -26.70
CA ASP A 90 4.61 5.83 -26.23
C ASP A 90 4.34 5.29 -24.83
N SER A 91 5.39 4.89 -24.10
CA SER A 91 5.21 4.31 -22.78
C SER A 91 6.46 4.42 -21.91
N PHE A 92 6.26 4.21 -20.60
CA PHE A 92 7.35 4.00 -19.65
C PHE A 92 7.27 2.58 -19.13
N VAL A 93 8.43 1.97 -18.92
CA VAL A 93 8.52 0.64 -18.39
C VAL A 93 9.35 0.68 -17.10
N LEU A 94 8.81 0.12 -16.03
CA LEU A 94 9.43 0.11 -14.72
C LEU A 94 9.77 -1.32 -14.35
N ILE A 95 10.97 -1.52 -13.81
CA ILE A 95 11.42 -2.82 -13.38
C ILE A 95 11.37 -2.78 -11.86
N LEU A 96 10.62 -3.70 -11.28
CA LEU A 96 10.34 -3.70 -9.85
C LEU A 96 10.76 -5.04 -9.28
N GLU A 97 11.01 -5.07 -7.98
CA GLU A 97 11.22 -6.33 -7.27
C GLU A 97 9.99 -7.22 -7.39
N ARG A 98 10.23 -8.53 -7.40
CA ARG A 98 9.17 -9.54 -7.34
C ARG A 98 9.57 -10.63 -6.35
N PRO A 99 8.90 -10.68 -5.17
CA PRO A 99 9.09 -11.82 -4.26
C PRO A 99 8.49 -13.07 -4.87
N GLU A 100 9.01 -14.23 -4.47
CA GLU A 100 8.59 -15.50 -5.02
C GLU A 100 8.87 -16.55 -3.95
N PRO A 101 7.87 -17.28 -3.46
CA PRO A 101 6.45 -17.15 -3.78
C PRO A 101 5.76 -15.93 -3.13
N VAL A 102 4.69 -15.47 -3.75
CA VAL A 102 4.02 -14.22 -3.38
C VAL A 102 2.51 -14.33 -3.54
N GLN A 103 1.76 -13.66 -2.66
CA GLN A 103 0.32 -13.49 -2.82
C GLN A 103 -0.08 -12.11 -2.32
N ASP A 104 -1.00 -11.43 -3.03
CA ASP A 104 -1.46 -10.15 -2.55
C ASP A 104 -2.46 -10.37 -1.41
N LEU A 105 -2.56 -9.37 -0.54
CA LEU A 105 -3.37 -9.50 0.66
C LEU A 105 -4.88 -9.60 0.37
N PHE A 106 -5.33 -8.96 -0.71
CA PHE A 106 -6.74 -9.11 -1.14
C PHE A 106 -7.05 -10.58 -1.44
N ASP A 107 -6.21 -11.23 -2.23
CA ASP A 107 -6.40 -12.65 -2.58
C ASP A 107 -6.26 -13.53 -1.36
N PHE A 108 -5.29 -13.19 -0.51
CA PHE A 108 -5.06 -13.94 0.72
C PHE A 108 -6.27 -13.92 1.63
N ILE A 109 -6.89 -12.76 1.79
CA ILE A 109 -8.07 -12.60 2.65
C ILE A 109 -9.29 -13.23 2.01
N THR A 110 -9.40 -13.12 0.69
CA THR A 110 -10.48 -13.80 -0.03
C THR A 110 -10.46 -15.32 0.22
N GLU A 111 -9.28 -15.93 0.15
CA GLU A 111 -9.11 -17.38 0.39
C GLU A 111 -9.32 -17.81 1.83
N ARG A 112 -8.67 -17.12 2.76
CA ARG A 112 -8.74 -17.53 4.16
C ARG A 112 -9.83 -16.87 5.00
N GLY A 113 -10.47 -15.82 4.49
CA GLY A 113 -11.42 -15.05 5.29
C GLY A 113 -10.74 -14.23 6.38
N ALA A 114 -11.49 -13.89 7.42
CA ALA A 114 -10.99 -13.06 8.51
C ALA A 114 -9.69 -13.65 9.08
N LEU A 115 -8.71 -12.79 9.31
CA LEU A 115 -7.43 -13.21 9.86
C LEU A 115 -7.52 -13.27 11.37
N GLN A 116 -6.88 -14.29 11.96
CA GLN A 116 -6.63 -14.30 13.39
C GLN A 116 -5.88 -13.04 13.80
N GLU A 117 -6.18 -12.54 15.00
CA GLU A 117 -5.61 -11.27 15.46
C GLU A 117 -4.10 -11.26 15.52
N GLU A 118 -3.51 -12.39 15.88
CA GLU A 118 -2.07 -12.48 15.91
C GLU A 118 -1.46 -12.23 14.53
N LEU A 119 -2.10 -12.78 13.50
CA LEU A 119 -1.63 -12.59 12.14
C LEU A 119 -1.91 -11.17 11.65
N ALA A 120 -3.11 -10.65 11.93
CA ALA A 120 -3.45 -9.26 11.59
C ALA A 120 -2.49 -8.27 12.26
N ARG A 121 -2.10 -8.56 13.50
CA ARG A 121 -1.19 -7.69 14.24
C ARG A 121 0.17 -7.59 13.55
N SER A 122 0.69 -8.74 13.15
CA SER A 122 1.98 -8.80 12.47
C SER A 122 1.94 -8.09 11.12
N PHE A 123 0.91 -8.39 10.33
CA PHE A 123 0.70 -7.72 9.04
C PHE A 123 0.54 -6.20 9.17
N PHE A 124 -0.37 -5.78 10.04
CA PHE A 124 -0.67 -4.36 10.24
C PHE A 124 0.55 -3.57 10.71
N TRP A 125 1.32 -4.14 11.61
CA TRP A 125 2.58 -3.56 12.09
C TRP A 125 3.54 -3.31 10.95
N GLN A 126 3.72 -4.32 10.08
CA GLN A 126 4.59 -4.18 8.91
C GLN A 126 4.07 -3.15 7.92
N VAL A 127 2.76 -3.06 7.77
CA VAL A 127 2.20 -1.98 6.95
C VAL A 127 2.57 -0.62 7.58
N LEU A 128 2.38 -0.47 8.89
CA LEU A 128 2.73 0.78 9.57
C LEU A 128 4.20 1.17 9.37
N GLU A 129 5.10 0.23 9.59
CA GLU A 129 6.54 0.46 9.36
C GLU A 129 6.83 0.89 7.92
N ALA A 130 6.16 0.28 6.95
CA ALA A 130 6.31 0.67 5.54
C ALA A 130 5.81 2.07 5.21
N VAL A 131 4.66 2.45 5.78
CA VAL A 131 4.10 3.78 5.55
C VAL A 131 4.92 4.86 6.26
N ARG A 132 5.45 4.56 7.44
CA ARG A 132 6.35 5.47 8.15
C ARG A 132 7.58 5.70 7.31
N HIS A 133 8.08 4.64 6.69
CA HIS A 133 9.21 4.74 5.80
C HIS A 133 8.95 5.65 4.60
N CYS A 134 7.79 5.50 3.95
CA CYS A 134 7.40 6.41 2.88
C CYS A 134 7.35 7.86 3.37
N HIS A 135 6.66 8.09 4.48
CA HIS A 135 6.50 9.42 5.03
C HIS A 135 7.87 10.07 5.37
N ASN A 136 8.79 9.28 5.93
CA ASN A 136 10.18 9.75 6.15
C ASN A 136 10.99 10.04 4.91
N CYS A 137 10.71 9.33 3.83
CA CYS A 137 11.29 9.64 2.52
C CYS A 137 10.59 10.80 1.79
N GLY A 138 9.58 11.42 2.41
CA GLY A 138 8.82 12.52 1.78
C GLY A 138 7.72 12.07 0.80
N VAL A 139 7.25 10.83 0.93
CA VAL A 139 6.23 10.29 -0.01
C VAL A 139 4.93 9.90 0.70
N LEU A 140 3.81 10.39 0.16
CA LEU A 140 2.47 9.98 0.58
C LEU A 140 1.90 8.98 -0.43
N HIS A 141 1.57 7.77 0.04
CA HIS A 141 1.06 6.72 -0.87
C HIS A 141 -0.36 7.00 -1.45
N ARG A 142 -1.31 7.31 -0.60
CA ARG A 142 -2.71 7.66 -1.04
C ARG A 142 -3.61 6.55 -1.59
N ASP A 143 -3.18 5.31 -1.48
CA ASP A 143 -3.99 4.17 -1.94
C ASP A 143 -3.62 2.92 -1.16
N ILE A 144 -3.51 3.08 0.15
CA ILE A 144 -3.17 1.96 1.02
C ILE A 144 -4.41 1.07 1.08
N LYS A 145 -4.26 -0.20 0.73
CA LYS A 145 -5.37 -1.16 0.74
C LYS A 145 -4.83 -2.56 0.51
N ASP A 146 -5.66 -3.56 0.78
CA ASP A 146 -5.28 -4.99 0.64
C ASP A 146 -4.65 -5.35 -0.73
N GLU A 147 -5.18 -4.83 -1.83
CA GLU A 147 -4.68 -5.11 -3.19
C GLU A 147 -3.32 -4.51 -3.49
N ASN A 148 -2.92 -3.51 -2.69
CA ASN A 148 -1.61 -2.87 -2.84
C ASN A 148 -0.58 -3.32 -1.84
N ILE A 149 -0.82 -4.49 -1.24
CA ILE A 149 0.10 -5.12 -0.30
C ILE A 149 0.39 -6.54 -0.80
N LEU A 150 1.66 -6.85 -0.93
CA LEU A 150 2.10 -8.20 -1.29
C LEU A 150 2.72 -8.88 -0.09
N ILE A 151 2.46 -10.19 0.02
CA ILE A 151 3.03 -11.04 1.04
C ILE A 151 4.10 -11.94 0.41
N ASP A 152 5.34 -11.80 0.87
CA ASP A 152 6.40 -12.78 0.61
C ASP A 152 6.09 -13.94 1.54
N LEU A 153 5.48 -14.98 0.97
CA LEU A 153 4.97 -16.13 1.75
C LEU A 153 6.03 -16.93 2.53
N ASN A 154 7.28 -16.94 2.08
CA ASN A 154 8.36 -17.66 2.78
C ASN A 154 8.97 -16.87 3.92
N ARG A 155 9.17 -15.57 3.73
CA ARG A 155 9.75 -14.72 4.80
C ARG A 155 8.70 -14.09 5.73
N GLY A 156 7.42 -14.10 5.32
CA GLY A 156 6.34 -13.49 6.10
C GLY A 156 6.40 -11.96 6.07
N GLU A 157 7.01 -11.42 5.02
CA GLU A 157 7.28 -10.01 4.85
C GLU A 157 6.27 -9.39 3.89
N LEU A 158 5.74 -8.21 4.26
CA LEU A 158 4.74 -7.49 3.51
C LEU A 158 5.44 -6.38 2.75
N LYS A 159 5.00 -6.13 1.53
CA LYS A 159 5.60 -5.10 0.68
C LYS A 159 4.53 -4.26 -0.01
N LEU A 160 4.66 -2.95 0.11
CA LEU A 160 3.76 -1.99 -0.51
C LEU A 160 3.96 -1.85 -2.00
N ILE A 161 2.87 -1.76 -2.75
CA ILE A 161 2.96 -1.44 -4.18
C ILE A 161 2.03 -0.33 -4.61
N ASP A 162 2.27 0.13 -5.84
CA ASP A 162 1.44 1.06 -6.56
C ASP A 162 1.43 2.46 -5.96
N PHE A 163 2.47 3.20 -6.29
CA PHE A 163 2.59 4.62 -6.00
C PHE A 163 2.01 5.53 -7.09
N GLY A 164 1.20 4.98 -8.00
CA GLY A 164 0.65 5.75 -9.13
C GLY A 164 -0.38 6.81 -8.77
N SER A 165 -0.99 6.70 -7.58
CA SER A 165 -1.88 7.72 -7.05
C SER A 165 -1.20 8.58 -5.99
N GLY A 166 0.11 8.39 -5.78
CA GLY A 166 0.81 9.00 -4.64
C GLY A 166 1.15 10.46 -4.87
N ALA A 167 1.83 11.06 -3.90
CA ALA A 167 2.31 12.43 -4.02
C ALA A 167 3.47 12.65 -3.11
N LEU A 168 4.14 13.77 -3.32
CA LEU A 168 5.09 14.28 -2.36
C LEU A 168 4.26 14.56 -1.11
N LEU A 169 4.79 14.17 0.03
CA LEU A 169 4.17 14.50 1.30
C LEU A 169 4.37 15.99 1.62
N LYS A 170 3.32 16.65 2.07
CA LYS A 170 3.35 18.06 2.47
C LYS A 170 2.39 18.23 3.65
N ASP A 171 2.44 19.41 4.27
CA ASP A 171 1.71 19.74 5.50
C ASP A 171 0.46 20.56 5.25
N THR A 172 0.30 20.99 4.01
CA THR A 172 -0.85 21.76 3.56
C THR A 172 -1.90 20.81 2.96
N VAL A 173 -3.07 21.36 2.66
CA VAL A 173 -4.21 20.58 2.23
C VAL A 173 -4.06 19.98 0.83
N TYR A 174 -4.56 18.75 0.66
CA TYR A 174 -4.71 18.13 -0.65
C TYR A 174 -6.15 18.30 -1.05
N THR A 175 -6.35 18.71 -2.29
CA THR A 175 -7.66 18.88 -2.88
C THR A 175 -7.86 18.00 -4.14
N ASP A 176 -6.94 17.08 -4.41
CA ASP A 176 -7.09 16.08 -5.47
C ASP A 176 -6.95 14.68 -4.84
N PHE A 177 -7.60 13.70 -5.43
CA PHE A 177 -7.49 12.31 -4.98
C PHE A 177 -7.91 11.33 -6.07
N ASP A 178 -7.11 10.28 -6.24
CA ASP A 178 -7.34 9.26 -7.25
C ASP A 178 -7.07 7.85 -6.69
N GLY A 179 -7.29 7.68 -5.40
CA GLY A 179 -7.15 6.39 -4.73
C GLY A 179 -8.50 5.70 -4.74
N THR A 180 -8.70 4.83 -3.76
CA THR A 180 -9.86 3.98 -3.72
C THR A 180 -10.87 4.60 -2.80
N ARG A 181 -12.07 4.83 -3.33
CA ARG A 181 -13.10 5.61 -2.65
C ARG A 181 -13.48 5.03 -1.29
N VAL A 182 -13.67 3.71 -1.25
CA VAL A 182 -14.09 3.04 0.00
C VAL A 182 -13.02 3.03 1.10
N TYR A 183 -11.76 3.38 0.78
CA TYR A 183 -10.71 3.67 1.79
C TYR A 183 -10.47 5.20 2.02
N SER A 184 -11.22 6.05 1.34
CA SER A 184 -11.04 7.51 1.42
C SER A 184 -11.83 8.07 2.61
N PRO A 185 -11.29 9.12 3.27
CA PRO A 185 -11.87 9.58 4.51
C PRO A 185 -13.09 10.48 4.29
N PRO A 186 -13.89 10.68 5.35
CA PRO A 186 -15.10 11.45 5.21
C PRO A 186 -14.87 12.90 4.82
N GLU A 187 -13.76 13.49 5.25
CA GLU A 187 -13.43 14.87 4.86
C GLU A 187 -13.21 15.03 3.35
N TRP A 188 -12.70 13.99 2.69
CA TRP A 188 -12.62 13.97 1.21
C TRP A 188 -14.02 13.85 0.59
N ILE A 189 -14.83 12.92 1.09
CA ILE A 189 -16.21 12.72 0.62
C ILE A 189 -17.03 14.02 0.71
N ARG A 190 -17.01 14.68 1.87
CA ARG A 190 -17.83 15.88 2.12
C ARG A 190 -17.28 17.18 1.54
N TYR A 191 -15.96 17.38 1.61
CA TYR A 191 -15.33 18.67 1.28
C TYR A 191 -14.28 18.66 0.18
N HIS A 192 -13.93 17.49 -0.34
CA HIS A 192 -12.82 17.38 -1.30
C HIS A 192 -11.51 17.98 -0.73
N ARG A 193 -11.30 17.81 0.58
CA ARG A 193 -10.11 18.31 1.27
C ARG A 193 -9.61 17.26 2.30
N TYR A 194 -8.30 17.07 2.36
CA TYR A 194 -7.71 16.22 3.39
C TYR A 194 -6.25 16.57 3.58
N HIS A 195 -5.71 16.18 4.73
CA HIS A 195 -4.29 16.25 5.01
C HIS A 195 -3.73 14.85 4.97
N GLY A 196 -2.45 14.77 4.61
CA GLY A 196 -1.83 13.51 4.21
C GLY A 196 -1.91 12.43 5.27
N ARG A 197 -1.35 12.73 6.42
CA ARG A 197 -1.17 11.76 7.47
C ARG A 197 -2.46 11.27 8.08
N SER A 198 -3.37 12.19 8.34
CA SER A 198 -4.62 11.84 8.95
C SER A 198 -5.53 11.06 7.97
N ALA A 199 -5.47 11.37 6.69
CA ALA A 199 -6.15 10.54 5.67
C ALA A 199 -5.53 9.13 5.60
N ALA A 200 -4.19 9.05 5.64
CA ALA A 200 -3.54 7.76 5.68
C ALA A 200 -3.97 6.92 6.88
N VAL A 201 -4.16 7.54 8.04
CA VAL A 201 -4.57 6.83 9.25
C VAL A 201 -6.00 6.28 9.08
N TRP A 202 -6.89 7.07 8.48
CA TRP A 202 -8.23 6.59 8.15
C TRP A 202 -8.17 5.31 7.29
N SER A 203 -7.40 5.34 6.20
CA SER A 203 -7.32 4.19 5.33
C SER A 203 -6.68 2.99 6.04
N LEU A 204 -5.79 3.25 7.01
CA LEU A 204 -5.25 2.19 7.83
C LEU A 204 -6.30 1.57 8.74
N GLY A 205 -7.22 2.36 9.28
CA GLY A 205 -8.36 1.81 10.01
C GLY A 205 -9.25 0.92 9.16
N ILE A 206 -9.46 1.32 7.90
CA ILE A 206 -10.23 0.51 6.95
C ILE A 206 -9.51 -0.81 6.67
N LEU A 207 -8.21 -0.74 6.42
CA LEU A 207 -7.41 -1.94 6.21
C LEU A 207 -7.45 -2.89 7.41
N LEU A 208 -7.35 -2.35 8.61
CA LEU A 208 -7.33 -3.20 9.79
C LEU A 208 -8.67 -3.90 9.98
N TYR A 209 -9.77 -3.18 9.78
CA TYR A 209 -11.08 -3.77 9.81
C TYR A 209 -11.15 -4.90 8.75
N ASP A 210 -10.71 -4.61 7.55
CA ASP A 210 -10.68 -5.59 6.48
C ASP A 210 -9.95 -6.88 6.89
N MET A 211 -8.80 -6.73 7.54
CA MET A 211 -8.02 -7.85 7.99
C MET A 211 -8.75 -8.71 9.01
N VAL A 212 -9.30 -8.09 10.05
CA VAL A 212 -9.91 -8.84 11.13
C VAL A 212 -11.38 -9.24 10.89
N CYS A 213 -12.03 -8.61 9.92
CA CYS A 213 -13.43 -8.98 9.58
C CYS A 213 -13.57 -9.70 8.23
N GLY A 214 -12.54 -9.65 7.38
CA GLY A 214 -12.61 -10.26 6.06
C GLY A 214 -13.35 -9.45 5.02
N ASP A 215 -13.73 -8.22 5.34
CA ASP A 215 -14.35 -7.32 4.38
C ASP A 215 -14.24 -5.90 4.91
N ILE A 216 -14.48 -4.95 4.03
CA ILE A 216 -14.42 -3.54 4.37
C ILE A 216 -15.68 -3.12 5.14
N PRO A 217 -15.55 -2.10 6.01
CA PRO A 217 -16.70 -1.70 6.86
C PRO A 217 -17.76 -0.86 6.15
N PHE A 218 -17.39 -0.08 5.14
CA PHE A 218 -18.30 0.88 4.49
C PHE A 218 -18.27 0.62 3.01
N GLU A 219 -19.44 0.56 2.37
CA GLU A 219 -19.52 0.55 0.91
C GLU A 219 -19.92 1.92 0.36
N HIS A 220 -20.90 2.56 1.00
CA HIS A 220 -21.53 3.76 0.45
C HIS A 220 -20.99 5.01 1.11
N ASP A 221 -20.97 6.10 0.36
CA ASP A 221 -20.59 7.43 0.87
C ASP A 221 -21.22 7.81 2.21
N GLU A 222 -22.50 7.52 2.37
CA GLU A 222 -23.27 7.93 3.56
C GLU A 222 -22.80 7.19 4.79
N GLU A 223 -22.38 5.94 4.59
CA GLU A 223 -21.83 5.14 5.70
C GLU A 223 -20.48 5.67 6.13
N ILE A 224 -19.66 6.10 5.16
CA ILE A 224 -18.33 6.70 5.44
C ILE A 224 -18.50 7.95 6.28
N ILE A 225 -19.40 8.81 5.83
CA ILE A 225 -19.75 10.08 6.53
C ILE A 225 -20.36 9.84 7.89
N ARG A 226 -21.20 8.81 7.98
CA ARG A 226 -21.80 8.45 9.25
C ARG A 226 -20.73 7.91 10.21
N GLY A 227 -19.79 7.14 9.67
CA GLY A 227 -18.65 6.64 10.43
C GLY A 227 -18.98 5.72 11.60
N GLN A 228 -20.10 5.02 11.57
CA GLN A 228 -20.44 4.07 12.63
C GLN A 228 -19.95 2.71 12.18
N VAL A 229 -19.16 2.07 13.03
CA VAL A 229 -18.51 0.81 12.69
C VAL A 229 -19.28 -0.31 13.35
N PHE A 230 -19.79 -1.23 12.53
CA PHE A 230 -20.43 -2.45 13.01
C PHE A 230 -19.48 -3.62 12.74
N PHE A 231 -19.23 -4.43 13.76
CA PHE A 231 -18.42 -5.65 13.62
C PHE A 231 -19.29 -6.86 13.34
N ARG A 232 -19.00 -7.49 12.21
CA ARG A 232 -19.71 -8.67 11.71
C ARG A 232 -19.07 -9.98 12.19
N GLN A 233 -17.84 -9.87 12.68
CA GLN A 233 -17.01 -10.95 13.14
C GLN A 233 -16.61 -10.64 14.59
N ARG A 234 -16.28 -11.67 15.35
CA ARG A 234 -15.77 -11.55 16.69
C ARG A 234 -14.38 -10.90 16.66
N VAL A 235 -14.24 -9.76 17.34
CA VAL A 235 -12.99 -8.98 17.37
C VAL A 235 -12.81 -8.49 18.81
N SER A 236 -11.59 -8.60 19.31
CA SER A 236 -11.28 -8.21 20.67
C SER A 236 -11.61 -6.72 20.88
N SEP A 237 -11.89 -6.38 22.12
CA SEP A 237 -12.26 -5.02 22.51
CB SEP A 237 -12.60 -5.02 24.01
OG SEP A 237 -13.70 -5.92 24.28
C SEP A 237 -11.15 -4.03 22.18
O SEP A 237 -11.40 -2.92 21.68
P SEP A 237 -13.56 -7.32 25.13
O1P SEP A 237 -15.02 -7.82 25.33
O2P SEP A 237 -12.94 -6.91 26.45
O3P SEP A 237 -12.63 -8.22 24.26
N GLU A 238 -9.90 -4.44 22.44
CA GLU A 238 -8.73 -3.63 22.15
C GLU A 238 -8.56 -3.33 20.67
N CYS A 239 -8.84 -4.32 19.81
CA CYS A 239 -8.79 -4.15 18.37
C CYS A 239 -9.91 -3.25 17.83
N GLN A 240 -11.15 -3.45 18.33
CA GLN A 240 -12.27 -2.55 18.00
C GLN A 240 -11.99 -1.11 18.35
N HIS A 241 -11.41 -0.89 19.52
CA HIS A 241 -11.03 0.44 19.96
C HIS A 241 -9.97 1.10 19.01
N LEU A 242 -8.91 0.36 18.67
CA LEU A 242 -7.92 0.89 17.72
C LEU A 242 -8.57 1.23 16.37
N ILE A 243 -9.42 0.35 15.88
CA ILE A 243 -10.10 0.58 14.61
C ILE A 243 -10.97 1.84 14.68
N ARG A 244 -11.78 1.93 15.73
CA ARG A 244 -12.67 3.08 15.89
C ARG A 244 -11.92 4.38 16.07
N TRP A 245 -10.72 4.32 16.64
CA TRP A 245 -9.88 5.50 16.79
C TRP A 245 -9.33 5.96 15.44
N CYS A 246 -8.81 5.03 14.64
CA CYS A 246 -8.34 5.35 13.29
C CYS A 246 -9.42 5.90 12.39
N LEU A 247 -10.63 5.43 12.63
CA LEU A 247 -11.79 5.86 11.88
C LEU A 247 -12.58 6.97 12.58
N ALA A 248 -11.93 7.80 13.40
CA ALA A 248 -12.62 8.97 13.95
C ALA A 248 -12.99 9.92 12.81
N LEU A 249 -14.22 10.44 12.87
CA LEU A 249 -14.74 11.35 11.87
C LEU A 249 -13.92 12.64 11.78
N ARG A 250 -13.52 13.19 12.91
CA ARG A 250 -12.70 14.40 12.89
C ARG A 250 -11.25 13.96 12.71
N PRO A 251 -10.58 14.46 11.65
CA PRO A 251 -9.16 14.17 11.40
C PRO A 251 -8.26 14.31 12.62
N SER A 252 -8.46 15.37 13.40
CA SER A 252 -7.64 15.65 14.58
C SER A 252 -7.88 14.69 15.76
N ASP A 253 -9.00 13.95 15.75
CA ASP A 253 -9.27 12.89 16.74
C ASP A 253 -8.59 11.55 16.44
N ARG A 254 -7.97 11.41 15.26
CA ARG A 254 -7.29 10.17 14.88
C ARG A 254 -5.91 10.09 15.53
N PRO A 255 -5.43 8.85 15.77
CA PRO A 255 -4.12 8.69 16.34
C PRO A 255 -3.01 9.03 15.34
N THR A 256 -1.85 9.40 15.86
CA THR A 256 -0.63 9.49 15.08
C THR A 256 -0.12 8.08 14.92
N PHE A 257 0.89 7.88 14.06
CA PHE A 257 1.51 6.57 13.91
C PHE A 257 2.11 6.03 15.19
N GLU A 258 2.70 6.90 15.97
CA GLU A 258 3.29 6.56 17.26
C GLU A 258 2.21 6.02 18.19
N GLU A 259 1.11 6.74 18.29
CA GLU A 259 -0.03 6.31 19.09
C GLU A 259 -0.63 4.99 18.62
N ILE A 260 -0.74 4.77 17.32
CA ILE A 260 -1.17 3.46 16.81
C ILE A 260 -0.20 2.36 17.28
N GLN A 261 1.11 2.58 17.10
CA GLN A 261 2.09 1.57 17.45
C GLN A 261 2.35 1.39 18.95
N ASN A 262 1.95 2.35 19.77
CA ASN A 262 1.96 2.21 21.22
C ASN A 262 0.62 1.71 21.78
N HIS A 263 -0.36 1.48 20.92
CA HIS A 263 -1.66 1.02 21.39
C HIS A 263 -1.51 -0.41 21.99
N PRO A 264 -2.27 -0.75 23.05
CA PRO A 264 -2.21 -2.09 23.68
C PRO A 264 -2.40 -3.29 22.75
N TRP A 265 -3.34 -3.18 21.82
CA TRP A 265 -3.49 -4.20 20.78
C TRP A 265 -2.22 -4.47 19.94
N MET A 266 -1.33 -3.49 19.85
CA MET A 266 -0.14 -3.62 19.02
C MET A 266 1.10 -4.18 19.73
N GLN A 267 0.98 -4.57 21.00
CA GLN A 267 2.16 -5.05 21.74
C GLN A 267 2.46 -6.51 21.40
N ASP A 268 3.72 -6.90 21.57
CA ASP A 268 4.20 -8.29 21.36
C ASP A 268 3.94 -8.79 19.95
N VAL A 269 4.30 -7.98 18.97
CA VAL A 269 4.15 -8.37 17.58
C VAL A 269 5.10 -9.52 17.25
N LEU A 270 4.65 -10.49 16.47
CA LEU A 270 5.54 -11.52 15.95
C LEU A 270 6.51 -10.91 14.92
N LEU A 271 7.72 -11.49 14.83
CA LEU A 271 8.66 -11.18 13.75
C LEU A 271 8.09 -11.72 12.44
N PRO A 272 8.55 -11.18 11.29
CA PRO A 272 8.04 -11.72 10.03
C PRO A 272 8.24 -13.24 9.87
N GLN A 273 9.44 -13.74 10.15
CA GLN A 273 9.75 -15.17 9.95
C GLN A 273 8.88 -16.11 10.82
N GLU A 274 8.76 -15.76 12.10
CA GLU A 274 7.81 -16.44 13.01
C GLU A 274 6.40 -16.44 12.43
N THR A 275 5.98 -15.28 11.93
CA THR A 275 4.65 -15.13 11.34
C THR A 275 4.47 -16.13 10.20
N ALA A 276 5.48 -16.30 9.36
CA ALA A 276 5.41 -17.27 8.26
C ALA A 276 5.37 -18.72 8.77
N GLU A 277 6.24 -19.05 9.73
CA GLU A 277 6.25 -20.42 10.29
C GLU A 277 4.89 -20.81 10.89
N ILE A 278 4.30 -19.89 11.65
CA ILE A 278 3.04 -20.18 12.34
C ILE A 278 1.85 -20.17 11.39
N HIS A 279 1.81 -19.19 10.48
CA HIS A 279 0.59 -18.91 9.69
C HIS A 279 0.65 -19.14 8.21
N LEU A 280 1.85 -19.17 7.62
CA LEU A 280 1.99 -19.15 6.16
C LEU A 280 2.61 -20.42 5.54
N HIS A 281 3.53 -21.08 6.26
CA HIS A 281 4.07 -22.39 5.85
C HIS A 281 3.04 -23.47 6.17
C4 E2F B . 0.61 -3.36 -9.60
C5 E2F B . 0.67 -2.05 -9.68
C6 E2F B . 1.95 -1.29 -9.42
C7 E2F B . 3.03 -1.96 -9.11
C8 E2F B . 2.99 -3.47 -9.04
C10 E2F B . 4.20 -5.47 -8.59
C13 E2F B . 4.38 -8.22 -8.33
C15 E2F B . 5.53 -6.08 -8.22
C17 E2F B . -0.35 -6.47 -8.27
C20 E2F B . -1.41 -7.56 -8.55
C21 E2F B . -2.46 -7.52 -7.44
C22 E2F B . -3.50 -8.61 -7.67
C1 E2F B . 0.66 -6.38 -9.42
N2 E2F B . 1.87 -5.59 -9.15
C11 E2F B . 3.12 -6.21 -8.81
C3 E2F B . 1.88 -4.15 -9.26
C12 E2F B . 3.23 -7.71 -8.66
N23 E2F B . -4.15 -8.51 -8.97
CL1 E2F B . 4.46 -10.00 -8.14
C18 E2F B . -3.20 -8.51 -10.09
C14 E2F B . 5.61 -7.38 -8.09
C19 E2F B . -2.13 -7.41 -9.89
O9 E2F B . 4.21 -4.08 -8.71
#